data_5EYD
#
_entry.id   5EYD
#
_cell.length_a   41.848
_cell.length_b   43.344
_cell.length_c   158.345
_cell.angle_alpha   90.000
_cell.angle_beta   90.000
_cell.angle_gamma   90.000
#
_symmetry.space_group_name_H-M   'P 21 21 21'
#
loop_
_entity.id
_entity.type
_entity.pdbx_description
1 polymer 'Hepatocyte growth factor receptor'
2 non-polymer 6-[(1~{R})-1-[8-fluoranyl-6-(1-methylpyrazol-4-yl)-[1,2,4]triazolo[4,3-a]pyridin-3-yl]ethyl]-3-(2-methoxyethoxy)-1,6-naphthyridin-5-one
3 water water
#
_entity_poly.entity_id   1
_entity_poly.type   'polypeptide(L)'
_entity_poly.pdbx_seq_one_letter_code
;QNTVHIDLSALNPELVQAVQHVVIGPSSLIVHFNEVIGRGHFGCVYHGTLLDNDGKKIHCAVKSLNRITDIGEVSQFLTE
GIIMKDFSHPNVLSLLGICLRSEGSPLVVLPYMKHGDLRNFIRNETHNPTVKDLIGFGLQVAKGMKYLASKKFVHRDLAA
RNCMLDEKFTVKVADFGLARDMYDKEYYSVHNKTGAKLPVKWMALESLQTQKFTTKSDVWSFGVLLWELMTRGAPPYPDV
NTFDITVYLLQGRRLLQPEYCPDPLYEVMLKCWHPKAEMRPSFSELVSRISAIFSTFIGEHYVHHHHHH
;
_entity_poly.pdbx_strand_id   A
#
loop_
_chem_comp.id
_chem_comp.type
_chem_comp.name
_chem_comp.formula
5T1 non-polymer 6-[(1~{R})-1-[8-fluoranyl-6-(1-methylpyrazol-4-yl)-[1,2,4]triazolo[4,3-a]pyridin-3-yl]ethyl]-3-(2-methoxyethoxy)-1,6-naphthyridin-5-one 'C23 H22 F N7 O3'
#
# COMPACT_ATOMS: atom_id res chain seq x y z
N HIS A 5 -17.02 18.95 -14.46
CA HIS A 5 -16.84 19.23 -15.92
C HIS A 5 -15.41 19.01 -16.32
N ILE A 6 -15.21 18.37 -17.47
CA ILE A 6 -13.87 18.04 -17.98
C ILE A 6 -13.38 19.10 -18.97
N ASP A 7 -12.44 19.94 -18.53
CA ASP A 7 -11.80 20.92 -19.41
C ASP A 7 -10.55 20.31 -20.03
N LEU A 8 -10.69 19.80 -21.26
CA LEU A 8 -9.59 19.14 -21.98
C LEU A 8 -8.38 20.03 -22.24
N SER A 9 -8.61 21.33 -22.47
CA SER A 9 -7.54 22.27 -22.76
C SER A 9 -6.65 22.55 -21.54
N ALA A 10 -7.22 22.42 -20.34
CA ALA A 10 -6.47 22.62 -19.09
C ALA A 10 -5.41 21.52 -18.87
N LEU A 11 -5.60 20.36 -19.48
CA LEU A 11 -4.61 19.28 -19.38
C LEU A 11 -3.37 19.56 -20.20
N ASN A 12 -2.28 18.87 -19.87
CA ASN A 12 -1.14 18.76 -20.77
C ASN A 12 -1.68 18.17 -22.08
N PRO A 13 -1.38 18.80 -23.24
CA PRO A 13 -1.93 18.30 -24.51
C PRO A 13 -1.54 16.86 -24.82
N GLU A 14 -0.39 16.41 -24.31
CA GLU A 14 0.06 15.03 -24.46
C GLU A 14 -0.94 14.03 -23.85
N LEU A 15 -1.62 14.44 -22.78
CA LEU A 15 -2.48 13.56 -21.98
C LEU A 15 -3.95 13.53 -22.40
N VAL A 16 -4.36 14.45 -23.27
CA VAL A 16 -5.78 14.59 -23.65
C VAL A 16 -6.35 13.28 -24.21
N GLN A 17 -5.59 12.62 -25.07
CA GLN A 17 -5.97 11.32 -25.65
C GLN A 17 -6.28 10.24 -24.61
N ALA A 18 -5.56 10.27 -23.48
CA ALA A 18 -5.68 9.24 -22.45
C ALA A 18 -6.92 9.39 -21.57
N VAL A 19 -7.60 10.54 -21.67
CA VAL A 19 -8.78 10.82 -20.85
C VAL A 19 -9.93 9.86 -21.15
N GLN A 20 -10.14 9.56 -22.43
CA GLN A 20 -11.21 8.64 -22.83
C GLN A 20 -11.05 7.25 -22.20
N HIS A 21 -9.82 6.89 -21.85
CA HIS A 21 -9.52 5.56 -21.32
C HIS A 21 -9.62 5.47 -19.82
N VAL A 22 -9.54 6.61 -19.14
CA VAL A 22 -9.66 6.63 -17.67
C VAL A 22 -11.09 6.93 -17.20
N VAL A 23 -11.89 7.62 -18.02
CA VAL A 23 -13.22 8.05 -17.60
C VAL A 23 -14.27 6.97 -17.82
N ILE A 24 -15.03 6.67 -16.77
CA ILE A 24 -16.10 5.68 -16.81
C ILE A 24 -17.44 6.40 -16.92
N GLY A 25 -18.23 6.04 -17.94
CA GLY A 25 -19.57 6.60 -18.11
C GLY A 25 -20.52 6.07 -17.06
N PRO A 26 -21.34 6.96 -16.46
CA PRO A 26 -22.20 6.55 -15.34
C PRO A 26 -23.21 5.44 -15.67
N SER A 27 -23.57 5.29 -16.94
CA SER A 27 -24.44 4.20 -17.37
C SER A 27 -23.79 2.82 -17.25
N SER A 28 -22.46 2.80 -17.11
CA SER A 28 -21.70 1.55 -17.01
C SER A 28 -21.37 1.10 -15.58
N LEU A 29 -21.79 1.89 -14.59
CA LEU A 29 -21.46 1.63 -13.18
C LEU A 29 -22.68 1.70 -12.27
N ILE A 30 -23.05 0.57 -11.67
CA ILE A 30 -24.02 0.55 -10.58
C ILE A 30 -23.24 0.54 -9.27
N VAL A 31 -23.48 1.54 -8.43
CA VAL A 31 -22.86 1.60 -7.10
C VAL A 31 -23.90 1.22 -6.04
N HIS A 32 -23.53 0.31 -5.15
CA HIS A 32 -24.40 -0.12 -4.07
C HIS A 32 -24.03 0.61 -2.81
N PHE A 33 -24.67 1.76 -2.58
CA PHE A 33 -24.35 2.57 -1.41
C PHE A 33 -24.91 2.00 -0.11
N ASN A 34 -25.64 0.88 -0.21
CA ASN A 34 -26.23 0.22 0.95
C ASN A 34 -25.23 -0.62 1.78
N GLU A 35 -24.05 -0.89 1.22
CA GLU A 35 -23.06 -1.73 1.91
C GLU A 35 -21.64 -1.14 1.83
N VAL A 36 -21.18 -0.59 2.96
CA VAL A 36 -19.82 -0.10 3.05
C VAL A 36 -18.88 -1.30 3.17
N ILE A 37 -17.85 -1.33 2.34
CA ILE A 37 -16.82 -2.38 2.40
C ILE A 37 -15.45 -1.83 2.79
N GLY A 38 -15.34 -0.51 2.88
CA GLY A 38 -14.10 0.14 3.31
C GLY A 38 -14.39 1.49 3.92
N ARG A 39 -13.57 1.91 4.87
CA ARG A 39 -13.69 3.21 5.51
C ARG A 39 -12.34 3.90 5.56
N GLY A 40 -12.22 4.98 4.81
CA GLY A 40 -11.05 5.83 4.87
C GLY A 40 -11.43 7.15 5.54
N HIS A 41 -10.42 7.88 5.95
CA HIS A 41 -10.58 9.24 6.45
C HIS A 41 -11.18 10.14 5.39
N PHE A 42 -10.71 10.03 4.16
CA PHE A 42 -11.20 10.84 3.04
C PHE A 42 -12.51 10.34 2.43
N GLY A 43 -12.95 9.12 2.77
CA GLY A 43 -14.23 8.60 2.27
C GLY A 43 -14.46 7.10 2.41
N CYS A 44 -15.71 6.69 2.19
CA CYS A 44 -16.11 5.28 2.28
C CYS A 44 -15.99 4.57 0.93
N VAL A 45 -15.92 3.25 0.98
CA VAL A 45 -15.79 2.41 -0.22
C VAL A 45 -17.01 1.50 -0.32
N TYR A 46 -17.56 1.34 -1.52
CA TYR A 46 -18.80 0.56 -1.73
C TYR A 46 -18.61 -0.51 -2.80
N HIS A 47 -19.42 -1.56 -2.71
CA HIS A 47 -19.59 -2.51 -3.83
C HIS A 47 -20.00 -1.77 -5.06
N GLY A 48 -19.53 -2.24 -6.20
CA GLY A 48 -19.94 -1.72 -7.48
C GLY A 48 -19.94 -2.82 -8.52
N THR A 49 -20.82 -2.69 -9.52
CA THR A 49 -20.84 -3.59 -10.65
C THR A 49 -20.53 -2.74 -11.89
N LEU A 50 -19.50 -3.13 -12.63
CA LEU A 50 -19.05 -2.40 -13.80
C LEU A 50 -19.30 -3.22 -15.06
N LYS A 57 -20.49 -7.90 -16.66
CA LYS A 57 -20.60 -7.68 -15.22
C LYS A 57 -19.31 -8.06 -14.50
N ILE A 58 -18.59 -7.08 -13.97
CA ILE A 58 -17.45 -7.36 -13.09
C ILE A 58 -17.63 -6.65 -11.75
N HIS A 59 -17.11 -7.29 -10.69
CA HIS A 59 -17.21 -6.78 -9.34
C HIS A 59 -16.16 -5.72 -9.13
N CYS A 60 -16.54 -4.58 -8.55
CA CYS A 60 -15.55 -3.52 -8.28
C CYS A 60 -15.74 -2.86 -6.92
N ALA A 61 -14.76 -2.04 -6.54
CA ALA A 61 -14.79 -1.30 -5.28
C ALA A 61 -14.81 0.17 -5.66
N VAL A 62 -15.81 0.88 -5.15
CA VAL A 62 -16.02 2.26 -5.54
C VAL A 62 -15.78 3.16 -4.32
N LYS A 63 -14.76 4.01 -4.41
CA LYS A 63 -14.37 4.89 -3.31
C LYS A 63 -14.90 6.31 -3.53
N SER A 64 -15.57 6.83 -2.51
CA SER A 64 -15.98 8.21 -2.47
C SER A 64 -14.83 9.05 -1.88
N LEU A 65 -14.76 10.31 -2.29
CA LEU A 65 -13.79 11.26 -1.73
C LEU A 65 -14.51 12.46 -1.13
N ASN A 66 -15.80 12.28 -0.80
CA ASN A 66 -16.66 13.38 -0.38
C ASN A 66 -16.45 13.82 1.08
N ARG A 67 -15.76 13.00 1.87
CA ARG A 67 -15.46 13.34 3.26
C ARG A 67 -14.39 14.44 3.31
N ILE A 68 -13.70 14.65 2.20
CA ILE A 68 -12.87 15.84 1.98
C ILE A 68 -13.77 16.95 1.46
N THR A 69 -13.58 18.18 1.94
CA THR A 69 -14.41 19.32 1.52
C THR A 69 -14.16 19.74 0.06
N ASP A 70 -13.00 19.38 -0.49
CA ASP A 70 -12.62 19.78 -1.84
C ASP A 70 -11.70 18.73 -2.50
N ILE A 71 -11.88 18.54 -3.80
CA ILE A 71 -11.06 17.59 -4.58
C ILE A 71 -9.69 18.17 -4.97
N GLY A 72 -9.62 19.48 -5.14
CA GLY A 72 -8.43 20.15 -5.65
C GLY A 72 -8.60 20.47 -7.12
N GLU A 73 -7.48 20.65 -7.83
CA GLU A 73 -7.53 20.99 -9.25
C GLU A 73 -7.97 19.78 -10.07
N VAL A 74 -9.11 19.88 -10.72
CA VAL A 74 -9.68 18.76 -11.47
C VAL A 74 -8.74 18.21 -12.56
N SER A 75 -7.96 19.10 -13.18
CA SER A 75 -6.95 18.70 -14.16
C SER A 75 -5.86 17.83 -13.53
N GLN A 76 -5.48 18.15 -12.30
CA GLN A 76 -4.50 17.38 -11.54
C GLN A 76 -5.05 16.01 -11.11
N PHE A 77 -6.33 15.99 -10.76
CA PHE A 77 -7.03 14.75 -10.39
C PHE A 77 -7.08 13.78 -11.58
N LEU A 78 -7.40 14.31 -12.76
CA LEU A 78 -7.38 13.50 -13.98
C LEU A 78 -5.97 13.02 -14.32
N THR A 79 -4.99 13.90 -14.13
CA THR A 79 -3.60 13.57 -14.44
C THR A 79 -3.07 12.44 -13.56
N GLU A 80 -3.42 12.48 -12.28
CA GLU A 80 -3.11 11.40 -11.34
C GLU A 80 -3.78 10.10 -11.77
N GLY A 81 -5.04 10.20 -12.22
CA GLY A 81 -5.76 9.05 -12.75
C GLY A 81 -5.08 8.46 -13.98
N ILE A 82 -4.67 9.32 -14.90
CA ILE A 82 -4.01 8.89 -16.15
C ILE A 82 -2.68 8.18 -15.87
N ILE A 83 -1.85 8.77 -15.00
CA ILE A 83 -0.60 8.13 -14.56
C ILE A 83 -0.86 6.77 -13.93
N MET A 84 -1.83 6.73 -13.04
CA MET A 84 -2.15 5.52 -12.28
C MET A 84 -2.69 4.39 -13.15
N LYS A 85 -3.54 4.72 -14.13
CA LYS A 85 -4.13 3.68 -14.98
C LYS A 85 -3.09 3.01 -15.87
N ASP A 86 -2.01 3.72 -16.19
CA ASP A 86 -0.92 3.18 -16.99
C ASP A 86 -0.05 2.13 -16.26
N PHE A 87 -0.10 2.14 -14.93
CA PHE A 87 0.53 1.09 -14.11
C PHE A 87 -0.20 -0.22 -14.30
N SER A 88 0.53 -1.27 -14.68
CA SER A 88 -0.07 -2.60 -14.75
C SER A 88 0.93 -3.70 -14.35
N HIS A 89 0.61 -4.36 -13.25
CA HIS A 89 1.45 -5.42 -12.69
C HIS A 89 0.58 -6.27 -11.79
N PRO A 90 0.79 -7.61 -11.80
CA PRO A 90 -0.08 -8.48 -11.00
C PRO A 90 -0.01 -8.26 -9.49
N ASN A 91 1.02 -7.58 -9.00
CA ASN A 91 1.13 -7.32 -7.56
C ASN A 91 0.96 -5.84 -7.21
N VAL A 92 0.35 -5.07 -8.12
CA VAL A 92 -0.01 -3.67 -7.86
C VAL A 92 -1.50 -3.50 -8.13
N LEU A 93 -2.24 -2.85 -7.22
CA LEU A 93 -3.68 -2.66 -7.42
C LEU A 93 -3.91 -1.71 -8.60
N SER A 94 -4.79 -2.09 -9.52
CA SER A 94 -5.00 -1.28 -10.73
C SER A 94 -6.10 -0.24 -10.50
N LEU A 95 -6.10 0.80 -11.34
CA LEU A 95 -7.22 1.73 -11.41
C LEU A 95 -8.05 1.32 -12.62
N LEU A 96 -9.31 0.96 -12.37
CA LEU A 96 -10.25 0.66 -13.45
C LEU A 96 -10.68 1.95 -14.14
N GLY A 97 -10.92 3.00 -13.35
CA GLY A 97 -11.31 4.28 -13.89
C GLY A 97 -11.91 5.23 -12.86
N ILE A 98 -12.39 6.37 -13.36
CA ILE A 98 -13.02 7.41 -12.54
C ILE A 98 -14.39 7.71 -13.11
N CYS A 99 -15.40 7.70 -12.25
CA CYS A 99 -16.77 7.99 -12.67
C CYS A 99 -17.21 9.33 -12.09
N LEU A 100 -17.82 10.16 -12.95
CA LEU A 100 -18.28 11.48 -12.54
C LEU A 100 -19.77 11.44 -12.22
N ARG A 101 -20.16 12.08 -11.12
CA ARG A 101 -21.55 12.15 -10.70
C ARG A 101 -21.96 13.61 -10.44
N SER A 102 -23.22 13.94 -10.73
CA SER A 102 -23.72 15.31 -10.63
C SER A 102 -23.75 15.79 -9.19
N SER A 105 -18.61 14.90 -5.96
CA SER A 105 -17.22 14.51 -6.13
C SER A 105 -17.13 13.23 -6.97
N PRO A 106 -16.05 13.05 -7.75
CA PRO A 106 -15.95 11.84 -8.56
C PRO A 106 -15.72 10.59 -7.72
N LEU A 107 -16.11 9.44 -8.27
CA LEU A 107 -15.87 8.14 -7.63
C LEU A 107 -14.66 7.47 -8.26
N VAL A 108 -13.78 6.92 -7.42
CA VAL A 108 -12.63 6.14 -7.91
C VAL A 108 -13.05 4.67 -7.98
N VAL A 109 -12.73 4.00 -9.08
CA VAL A 109 -13.19 2.64 -9.32
C VAL A 109 -11.98 1.69 -9.35
N LEU A 110 -11.96 0.78 -8.36
CA LEU A 110 -10.87 -0.16 -8.17
C LEU A 110 -11.39 -1.59 -8.33
N PRO A 111 -10.50 -2.55 -8.68
CA PRO A 111 -10.89 -3.95 -8.65
C PRO A 111 -11.39 -4.36 -7.27
N TYR A 112 -12.32 -5.30 -7.24
CA TYR A 112 -12.78 -5.83 -5.98
C TYR A 112 -11.70 -6.78 -5.45
N MET A 113 -11.31 -6.59 -4.20
CA MET A 113 -10.33 -7.45 -3.53
C MET A 113 -11.04 -8.29 -2.47
N LYS A 114 -11.47 -9.49 -2.86
CA LYS A 114 -12.33 -10.33 -2.03
C LYS A 114 -11.84 -10.53 -0.61
N HIS A 115 -10.54 -10.75 -0.44
CA HIS A 115 -10.01 -11.10 0.89
C HIS A 115 -9.43 -9.95 1.67
N GLY A 116 -9.68 -8.73 1.22
CA GLY A 116 -9.36 -7.54 2.01
C GLY A 116 -7.88 -7.23 2.14
N ASP A 117 -7.52 -6.53 3.22
CA ASP A 117 -6.16 -6.08 3.42
C ASP A 117 -5.33 -7.22 4.00
N LEU A 118 -4.03 -7.20 3.70
CA LEU A 118 -3.12 -8.27 4.09
C LEU A 118 -3.03 -8.44 5.61
N ARG A 119 -3.04 -7.34 6.37
CA ARG A 119 -2.90 -7.48 7.83
C ARG A 119 -4.08 -8.22 8.45
N ASN A 120 -5.30 -7.82 8.09
CA ASN A 120 -6.48 -8.51 8.60
C ASN A 120 -6.55 -9.96 8.14
N PHE A 121 -6.16 -10.22 6.90
CA PHE A 121 -6.12 -11.60 6.38
C PHE A 121 -5.18 -12.50 7.22
N ILE A 122 -3.98 -12.03 7.55
CA ILE A 122 -3.04 -12.84 8.34
C ILE A 122 -3.40 -12.92 9.83
N ARG A 123 -4.26 -12.03 10.31
CA ARG A 123 -4.75 -12.05 11.69
C ARG A 123 -5.99 -12.91 11.86
N ASN A 124 -6.62 -13.25 10.74
CA ASN A 124 -7.88 -13.97 10.73
C ASN A 124 -7.71 -15.42 11.21
N GLU A 125 -8.55 -15.82 12.16
CA GLU A 125 -8.51 -17.18 12.71
C GLU A 125 -8.97 -18.25 11.73
N THR A 126 -9.79 -17.88 10.75
CA THR A 126 -10.36 -18.86 9.80
C THR A 126 -9.44 -19.20 8.64
N HIS A 127 -8.32 -18.49 8.51
CA HIS A 127 -7.31 -18.82 7.50
C HIS A 127 -6.03 -19.18 8.18
N ASN A 128 -5.28 -20.09 7.57
CA ASN A 128 -4.08 -20.63 8.18
C ASN A 128 -2.93 -20.74 7.18
N PRO A 129 -2.34 -19.58 6.81
CA PRO A 129 -1.19 -19.63 5.93
C PRO A 129 0.02 -20.26 6.62
N THR A 130 0.76 -21.08 5.88
CA THR A 130 2.01 -21.66 6.36
C THR A 130 3.10 -20.60 6.32
N VAL A 131 4.26 -20.91 6.89
CA VAL A 131 5.42 -20.01 6.82
C VAL A 131 5.79 -19.73 5.36
N LYS A 132 5.77 -20.76 4.53
CA LYS A 132 6.06 -20.58 3.10
C LYS A 132 5.06 -19.60 2.46
N ASP A 133 3.77 -19.75 2.76
CA ASP A 133 2.72 -18.82 2.29
C ASP A 133 3.02 -17.37 2.67
N LEU A 134 3.41 -17.16 3.92
CA LEU A 134 3.68 -15.82 4.43
C LEU A 134 4.87 -15.16 3.74
N ILE A 135 5.93 -15.95 3.53
CA ILE A 135 7.11 -15.50 2.80
C ILE A 135 6.73 -15.18 1.34
N GLY A 136 5.85 -16.02 0.78
CA GLY A 136 5.29 -15.82 -0.56
C GLY A 136 4.48 -14.53 -0.67
N PHE A 137 3.68 -14.21 0.35
CA PHE A 137 3.01 -12.89 0.38
C PHE A 137 4.07 -11.78 0.33
N GLY A 138 5.10 -11.89 1.17
CA GLY A 138 6.28 -11.00 1.15
C GLY A 138 6.95 -10.82 -0.21
N LEU A 139 7.12 -11.93 -0.92
CA LEU A 139 7.75 -11.89 -2.25
C LEU A 139 6.88 -11.15 -3.25
N GLN A 140 5.57 -11.41 -3.19
CA GLN A 140 4.60 -10.74 -4.08
C GLN A 140 4.58 -9.22 -3.85
N VAL A 141 4.67 -8.80 -2.59
CA VAL A 141 4.82 -7.37 -2.28
C VAL A 141 6.13 -6.82 -2.86
N ALA A 142 7.21 -7.56 -2.68
CA ALA A 142 8.52 -7.16 -3.21
C ALA A 142 8.51 -6.94 -4.75
N LYS A 143 7.81 -7.82 -5.46
CA LYS A 143 7.64 -7.69 -6.93
C LYS A 143 6.83 -6.44 -7.31
N GLY A 144 5.74 -6.18 -6.59
CA GLY A 144 4.94 -4.97 -6.81
C GLY A 144 5.74 -3.72 -6.59
N MET A 145 6.54 -3.70 -5.52
CA MET A 145 7.40 -2.56 -5.21
C MET A 145 8.57 -2.42 -6.15
N LYS A 146 9.09 -3.53 -6.66
CA LYS A 146 10.12 -3.46 -7.70
C LYS A 146 9.52 -2.74 -8.94
N TYR A 147 8.29 -3.07 -9.29
CA TYR A 147 7.61 -2.43 -10.41
C TYR A 147 7.37 -0.95 -10.15
N LEU A 148 6.78 -0.62 -9.00
CA LEU A 148 6.53 0.80 -8.68
C LEU A 148 7.82 1.63 -8.66
N ALA A 149 8.87 1.08 -8.06
CA ALA A 149 10.17 1.73 -8.03
C ALA A 149 10.76 1.90 -9.44
N SER A 150 10.51 0.94 -10.36
CA SER A 150 10.97 1.09 -11.77
C SER A 150 10.28 2.24 -12.50
N LYS A 151 9.10 2.61 -12.02
CA LYS A 151 8.36 3.77 -12.54
C LYS A 151 8.69 5.05 -11.77
N LYS A 152 9.73 5.01 -10.92
CA LYS A 152 10.13 6.15 -10.06
C LYS A 152 9.01 6.59 -9.11
N PHE A 153 8.12 5.67 -8.75
CA PHE A 153 7.02 5.98 -7.84
C PHE A 153 7.38 5.59 -6.40
N VAL A 154 7.33 6.57 -5.50
CA VAL A 154 7.57 6.35 -4.06
C VAL A 154 6.22 6.20 -3.37
N HIS A 155 6.01 5.07 -2.70
CA HIS A 155 4.72 4.79 -2.07
C HIS A 155 4.44 5.67 -0.87
N ARG A 156 5.41 5.77 0.04
CA ARG A 156 5.30 6.56 1.30
C ARG A 156 4.53 5.92 2.45
N ASP A 157 3.68 4.93 2.18
CA ASP A 157 2.86 4.31 3.23
C ASP A 157 2.72 2.80 3.06
N LEU A 158 3.81 2.13 2.67
CA LEU A 158 3.84 0.66 2.61
C LEU A 158 3.69 0.03 4.01
N ALA A 159 2.75 -0.90 4.15
CA ALA A 159 2.48 -1.61 5.38
C ALA A 159 1.49 -2.72 5.02
N ALA A 160 1.41 -3.76 5.84
CA ALA A 160 0.45 -4.87 5.59
C ALA A 160 -1.01 -4.39 5.46
N ARG A 161 -1.39 -3.33 6.19
CA ARG A 161 -2.75 -2.77 6.09
C ARG A 161 -3.05 -2.19 4.72
N ASN A 162 -1.99 -1.85 3.98
CA ASN A 162 -2.08 -1.16 2.69
C ASN A 162 -1.78 -2.05 1.46
N CYS A 163 -1.85 -3.36 1.67
CA CYS A 163 -1.78 -4.35 0.60
C CYS A 163 -3.07 -5.11 0.71
N MET A 164 -3.61 -5.60 -0.41
CA MET A 164 -4.86 -6.35 -0.41
C MET A 164 -4.75 -7.67 -1.20
N LEU A 165 -5.66 -8.60 -0.94
CA LEU A 165 -5.67 -9.91 -1.59
C LEU A 165 -6.95 -10.14 -2.40
N ASP A 166 -6.81 -10.63 -3.63
CA ASP A 166 -7.98 -10.98 -4.44
C ASP A 166 -8.46 -12.43 -4.18
N GLU A 167 -9.39 -12.90 -5.00
CA GLU A 167 -10.04 -14.21 -4.81
C GLU A 167 -9.10 -15.41 -5.02
N LYS A 168 -8.00 -15.20 -5.73
CA LYS A 168 -6.95 -16.20 -5.90
C LYS A 168 -5.81 -15.99 -4.89
N PHE A 169 -6.04 -15.15 -3.89
CA PHE A 169 -5.03 -14.80 -2.89
C PHE A 169 -3.79 -14.11 -3.46
N THR A 170 -3.93 -13.47 -4.62
CA THR A 170 -2.84 -12.68 -5.20
C THR A 170 -2.71 -11.40 -4.38
N VAL A 171 -1.50 -11.06 -3.96
CA VAL A 171 -1.25 -9.88 -3.11
C VAL A 171 -0.87 -8.68 -3.95
N LYS A 172 -1.54 -7.56 -3.69
CA LYS A 172 -1.32 -6.35 -4.45
C LYS A 172 -1.01 -5.18 -3.53
N VAL A 173 0.08 -4.47 -3.82
CA VAL A 173 0.40 -3.19 -3.20
C VAL A 173 -0.73 -2.22 -3.57
N ALA A 174 -1.40 -1.66 -2.56
CA ALA A 174 -2.55 -0.79 -2.76
C ALA A 174 -2.30 0.57 -2.09
N ASP A 175 -3.38 1.27 -1.76
CA ASP A 175 -3.28 2.54 -1.04
C ASP A 175 -2.28 3.51 -1.65
N PHE A 176 -2.37 3.74 -2.96
CA PHE A 176 -1.57 4.75 -3.62
C PHE A 176 -2.41 5.51 -4.68
N GLY A 177 -1.89 6.64 -5.14
CA GLY A 177 -2.60 7.49 -6.11
C GLY A 177 -3.98 7.90 -5.61
N LEU A 178 -5.01 7.70 -6.43
CA LEU A 178 -6.38 8.09 -6.06
C LEU A 178 -7.04 7.19 -5.00
N ALA A 179 -6.41 6.04 -4.70
CA ALA A 179 -6.87 5.14 -3.63
C ALA A 179 -6.23 5.46 -2.26
N ARG A 180 -5.28 6.40 -2.24
CA ARG A 180 -4.52 6.72 -1.02
C ARG A 180 -5.42 7.29 0.07
N ASP A 181 -5.30 6.75 1.27
CA ASP A 181 -6.10 7.17 2.42
C ASP A 181 -5.49 6.58 3.68
N MET A 182 -6.08 6.91 4.83
CA MET A 182 -5.77 6.23 6.08
C MET A 182 -6.92 5.27 6.39
N TYR A 183 -6.70 3.99 6.14
CA TYR A 183 -7.73 2.97 6.39
C TYR A 183 -7.61 2.39 7.80
N ASP A 184 -6.58 2.76 8.57
CA ASP A 184 -6.53 2.45 10.01
C ASP A 184 -5.86 3.61 10.75
N LYS A 185 -6.70 4.51 11.26
CA LYS A 185 -6.23 5.79 11.81
C LYS A 185 -5.29 5.64 13.00
N GLU A 186 -5.42 4.54 13.72
CA GLU A 186 -4.57 4.29 14.90
C GLU A 186 -3.08 4.51 14.63
N TYR A 187 -2.63 4.16 13.42
CA TYR A 187 -1.19 4.07 13.14
C TYR A 187 -0.62 5.30 12.50
N TYR A 188 -1.35 6.41 12.55
CA TYR A 188 -0.85 7.67 12.00
C TYR A 188 -0.82 8.72 13.09
N SER A 189 0.32 9.40 13.23
CA SER A 189 0.52 10.38 14.30
C SER A 189 0.80 11.76 13.74
N VAL A 190 0.26 12.78 14.40
CA VAL A 190 0.35 14.16 13.92
C VAL A 190 1.72 14.75 14.26
N HIS A 191 2.43 15.21 13.23
CA HIS A 191 3.68 15.94 13.45
C HIS A 191 3.38 17.29 14.05
N ASN A 192 4.15 17.67 15.07
CA ASN A 192 3.86 18.90 15.83
C ASN A 192 4.19 20.19 15.07
N LYS A 193 5.32 20.20 14.37
CA LYS A 193 5.73 21.36 13.58
C LYS A 193 4.99 21.46 12.24
N THR A 194 4.65 20.31 11.65
CA THR A 194 4.15 20.26 10.28
C THR A 194 2.65 19.94 10.17
N GLY A 195 2.08 19.30 11.19
CA GLY A 195 0.68 18.89 11.17
C GLY A 195 0.38 17.61 10.39
N ALA A 196 1.34 17.13 9.59
CA ALA A 196 1.16 15.91 8.79
C ALA A 196 0.92 14.69 9.67
N LYS A 197 0.03 13.80 9.23
CA LYS A 197 -0.29 12.56 9.95
C LYS A 197 0.53 11.40 9.37
N LEU A 198 1.50 10.91 10.14
CA LEU A 198 2.56 10.03 9.59
C LEU A 198 2.55 8.62 10.17
N PRO A 199 2.82 7.60 9.33
CA PRO A 199 2.88 6.21 9.80
C PRO A 199 4.23 5.90 10.47
N VAL A 200 4.51 6.59 11.58
CA VAL A 200 5.85 6.65 12.18
C VAL A 200 6.53 5.29 12.44
N LYS A 201 5.76 4.28 12.82
CA LYS A 201 6.35 2.96 13.11
C LYS A 201 6.77 2.18 11.86
N TRP A 202 6.39 2.68 10.67
CA TRP A 202 6.86 2.11 9.38
C TRP A 202 7.92 2.96 8.73
N MET A 203 8.27 4.08 9.34
CA MET A 203 9.11 5.06 8.66
C MET A 203 10.59 4.87 8.94
N ALA A 204 11.41 5.19 7.95
CA ALA A 204 12.86 5.19 8.10
C ALA A 204 13.27 6.33 9.01
N LEU A 205 14.42 6.16 9.66
CA LEU A 205 14.99 7.16 10.57
C LEU A 205 15.06 8.53 9.91
N GLU A 206 15.62 8.57 8.70
CA GLU A 206 15.86 9.83 8.00
C GLU A 206 14.55 10.55 7.66
N SER A 207 13.49 9.79 7.37
CA SER A 207 12.16 10.32 7.09
C SER A 207 11.51 10.87 8.36
N LEU A 208 11.73 10.21 9.48
CA LEU A 208 11.26 10.74 10.77
C LEU A 208 11.92 12.11 11.06
N GLN A 209 13.16 12.28 10.62
CA GLN A 209 13.91 13.51 10.86
C GLN A 209 13.60 14.60 9.83
N THR A 210 13.44 14.23 8.56
CA THR A 210 13.25 15.20 7.46
C THR A 210 11.85 15.24 6.85
N GLN A 211 11.02 14.25 7.14
CA GLN A 211 9.74 14.04 6.44
C GLN A 211 9.86 13.90 4.91
N LYS A 212 11.06 13.58 4.41
CA LYS A 212 11.24 13.25 3.00
C LYS A 212 11.18 11.72 2.82
N PHE A 213 10.44 11.28 1.81
CA PHE A 213 10.27 9.86 1.52
C PHE A 213 10.97 9.51 0.20
N THR A 214 11.64 8.36 0.18
CA THR A 214 12.30 7.85 -1.01
C THR A 214 11.98 6.36 -1.21
N THR A 215 12.39 5.80 -2.35
CA THR A 215 12.28 4.35 -2.53
C THR A 215 13.02 3.58 -1.41
N LYS A 216 14.16 4.11 -0.98
CA LYS A 216 14.91 3.52 0.13
C LYS A 216 14.17 3.58 1.46
N SER A 217 13.31 4.57 1.68
CA SER A 217 12.46 4.56 2.87
C SER A 217 11.27 3.60 2.70
N ASP A 218 10.84 3.36 1.45
CA ASP A 218 9.85 2.31 1.20
C ASP A 218 10.46 0.93 1.55
N VAL A 219 11.76 0.77 1.27
CA VAL A 219 12.47 -0.50 1.58
C VAL A 219 12.48 -0.71 3.09
N TRP A 220 12.73 0.34 3.87
CA TRP A 220 12.61 0.27 5.33
C TRP A 220 11.24 -0.20 5.74
N SER A 221 10.21 0.44 5.20
CA SER A 221 8.81 0.02 5.43
C SER A 221 8.54 -1.44 5.06
N PHE A 222 9.14 -1.86 3.97
CA PHE A 222 9.00 -3.25 3.52
C PHE A 222 9.55 -4.23 4.57
N GLY A 223 10.70 -3.90 5.16
CA GLY A 223 11.25 -4.68 6.26
C GLY A 223 10.25 -4.84 7.40
N VAL A 224 9.58 -3.74 7.78
CA VAL A 224 8.55 -3.81 8.82
C VAL A 224 7.40 -4.70 8.37
N LEU A 225 6.99 -4.56 7.11
CA LEU A 225 5.92 -5.38 6.57
C LEU A 225 6.27 -6.88 6.65
N LEU A 226 7.52 -7.24 6.35
CA LEU A 226 8.00 -8.63 6.47
C LEU A 226 7.87 -9.11 7.92
N TRP A 227 8.16 -8.21 8.86
CA TRP A 227 8.04 -8.52 10.29
C TRP A 227 6.60 -8.75 10.64
N GLU A 228 5.68 -7.92 10.12
CA GLU A 228 4.24 -8.14 10.30
C GLU A 228 3.78 -9.50 9.76
N LEU A 229 4.25 -9.87 8.58
CA LEU A 229 3.86 -11.17 8.01
C LEU A 229 4.27 -12.33 8.91
N MET A 230 5.49 -12.28 9.44
CA MET A 230 6.05 -13.38 10.18
C MET A 230 5.51 -13.44 11.61
N THR A 231 4.93 -12.35 12.10
CA THR A 231 4.24 -12.31 13.39
C THR A 231 2.72 -12.48 13.21
N ARG A 232 2.29 -12.73 11.97
CA ARG A 232 0.87 -12.81 11.61
CA ARG A 232 0.88 -12.81 11.63
C ARG A 232 0.09 -11.58 12.11
N GLY A 233 0.66 -10.41 11.84
CA GLY A 233 -0.05 -9.15 12.03
C GLY A 233 0.02 -8.52 13.41
N ALA A 234 1.08 -8.83 14.17
CA ALA A 234 1.32 -8.16 15.46
C ALA A 234 1.65 -6.69 15.19
N PRO A 235 1.21 -5.79 16.09
CA PRO A 235 1.59 -4.38 15.93
C PRO A 235 3.07 -4.17 16.29
N PRO A 236 3.82 -3.47 15.43
CA PRO A 236 5.24 -3.26 15.72
C PRO A 236 5.46 -2.26 16.88
N TYR A 237 6.51 -2.50 17.67
CA TYR A 237 6.89 -1.62 18.80
C TYR A 237 5.70 -1.15 19.67
N PRO A 238 4.99 -2.10 20.30
CA PRO A 238 3.78 -1.71 21.02
C PRO A 238 4.08 -0.86 22.25
N ASP A 239 5.19 -1.12 22.93
CA ASP A 239 5.54 -0.41 24.17
C ASP A 239 6.43 0.81 23.88
N VAL A 240 6.41 1.27 22.62
CA VAL A 240 6.96 2.57 22.24
C VAL A 240 5.78 3.46 21.85
N ASN A 241 5.79 4.71 22.32
CA ASN A 241 4.74 5.70 22.00
C ASN A 241 5.11 6.66 20.85
N THR A 242 4.36 6.57 19.74
CA THR A 242 4.43 7.52 18.61
C THR A 242 5.82 8.02 18.23
N PHE A 243 6.10 9.32 18.44
CA PHE A 243 7.36 9.92 17.98
C PHE A 243 8.59 9.63 18.85
N ASP A 244 8.39 8.98 20.00
CA ASP A 244 9.52 8.45 20.77
C ASP A 244 10.20 7.28 20.02
N ILE A 245 9.70 6.92 18.83
CA ILE A 245 10.30 5.82 18.05
C ILE A 245 11.71 6.16 17.58
N THR A 246 11.96 7.43 17.26
CA THR A 246 13.32 7.86 16.89
C THR A 246 14.32 7.62 18.02
N VAL A 247 13.94 7.97 19.24
CA VAL A 247 14.78 7.75 20.42
C VAL A 247 15.04 6.25 20.61
N TYR A 248 13.97 5.46 20.55
CA TYR A 248 14.02 4.01 20.64
C TYR A 248 14.99 3.41 19.62
N LEU A 249 14.86 3.78 18.35
CA LEU A 249 15.73 3.21 17.32
C LEU A 249 17.19 3.60 17.55
N LEU A 250 17.41 4.87 17.90
CA LEU A 250 18.77 5.39 18.09
C LEU A 250 19.48 4.83 19.34
N GLN A 251 18.76 4.17 20.22
CA GLN A 251 19.38 3.36 21.28
C GLN A 251 20.12 2.11 20.75
N GLY A 252 20.00 1.85 19.45
CA GLY A 252 20.64 0.68 18.82
C GLY A 252 19.68 -0.50 18.77
N ARG A 253 18.42 -0.22 18.50
CA ARG A 253 17.36 -1.22 18.55
C ARG A 253 16.68 -1.48 17.19
N ARG A 254 16.20 -2.71 17.02
CA ARG A 254 15.35 -3.09 15.89
C ARG A 254 14.30 -4.06 16.38
N LEU A 255 13.25 -4.26 15.58
CA LEU A 255 12.23 -5.26 15.89
C LEU A 255 12.94 -6.62 16.01
N LEU A 256 12.49 -7.43 16.96
CA LEU A 256 13.10 -8.72 17.25
C LEU A 256 12.68 -9.76 16.21
N GLN A 257 13.48 -10.81 16.10
CA GLN A 257 13.21 -11.88 15.16
C GLN A 257 11.98 -12.68 15.61
N PRO A 258 10.92 -12.72 14.80
CA PRO A 258 9.77 -13.55 15.13
C PRO A 258 10.12 -15.04 15.18
N GLU A 259 9.36 -15.79 15.98
CA GLU A 259 9.68 -17.20 16.24
C GLU A 259 9.85 -18.00 14.96
N TYR A 260 8.92 -17.86 14.02
CA TYR A 260 8.93 -18.71 12.83
C TYR A 260 9.59 -18.05 11.62
N CYS A 261 10.23 -16.90 11.84
CA CYS A 261 10.96 -16.21 10.80
C CYS A 261 12.34 -16.86 10.60
N PRO A 262 12.65 -17.35 9.38
CA PRO A 262 13.99 -17.88 9.10
C PRO A 262 15.09 -16.86 9.30
N ASP A 263 16.23 -17.33 9.79
CA ASP A 263 17.40 -16.50 10.00
C ASP A 263 17.75 -15.65 8.80
N PRO A 264 17.83 -16.24 7.58
CA PRO A 264 18.09 -15.38 6.42
C PRO A 264 17.02 -14.32 6.16
N LEU A 265 15.77 -14.60 6.45
CA LEU A 265 14.74 -13.57 6.28
C LEU A 265 14.92 -12.44 7.31
N TYR A 266 15.35 -12.78 8.53
CA TYR A 266 15.60 -11.75 9.54
C TYR A 266 16.80 -10.89 9.10
N GLU A 267 17.81 -11.53 8.51
CA GLU A 267 18.95 -10.82 7.93
C GLU A 267 18.52 -9.84 6.83
N VAL A 268 17.54 -10.26 6.03
CA VAL A 268 16.95 -9.38 5.02
C VAL A 268 16.32 -8.14 5.69
N MET A 269 15.53 -8.37 6.74
CA MET A 269 14.90 -7.28 7.50
C MET A 269 15.92 -6.28 8.04
N LEU A 270 17.00 -6.78 8.64
CA LEU A 270 18.08 -5.92 9.13
C LEU A 270 18.74 -5.07 8.03
N LYS A 271 18.87 -5.63 6.83
CA LYS A 271 19.42 -4.88 5.70
C LYS A 271 18.43 -3.80 5.29
N CYS A 272 17.12 -4.09 5.32
CA CYS A 272 16.09 -3.10 5.02
C CYS A 272 16.10 -1.93 6.00
N TRP A 273 16.59 -2.17 7.21
CA TRP A 273 16.66 -1.15 8.25
C TRP A 273 18.05 -0.58 8.44
N HIS A 274 18.91 -0.71 7.43
CA HIS A 274 20.27 -0.19 7.48
C HIS A 274 20.25 1.30 7.77
N PRO A 275 21.10 1.77 8.71
CA PRO A 275 21.09 3.21 9.04
C PRO A 275 21.43 4.13 7.86
N LYS A 276 22.19 3.61 6.89
CA LYS A 276 22.51 4.35 5.67
C LYS A 276 21.54 3.94 4.56
N ALA A 277 20.63 4.85 4.22
CA ALA A 277 19.59 4.59 3.21
C ALA A 277 20.14 3.99 1.92
N GLU A 278 21.25 4.53 1.45
CA GLU A 278 21.86 4.09 0.20
C GLU A 278 22.44 2.65 0.28
N MET A 279 22.63 2.13 1.50
CA MET A 279 23.16 0.79 1.69
C MET A 279 22.05 -0.26 1.83
N ARG A 280 20.79 0.17 1.89
CA ARG A 280 19.66 -0.78 1.90
C ARG A 280 19.54 -1.42 0.53
N PRO A 281 19.05 -2.67 0.49
CA PRO A 281 18.87 -3.38 -0.78
C PRO A 281 17.78 -2.76 -1.65
N SER A 282 17.97 -2.85 -2.96
CA SER A 282 16.94 -2.47 -3.92
C SER A 282 15.82 -3.48 -3.79
N PHE A 283 14.68 -3.14 -4.34
CA PHE A 283 13.57 -4.07 -4.40
C PHE A 283 13.88 -5.27 -5.32
N SER A 284 14.73 -5.08 -6.33
CA SER A 284 15.15 -6.20 -7.19
C SER A 284 15.96 -7.24 -6.38
N GLU A 285 16.89 -6.75 -5.55
CA GLU A 285 17.65 -7.60 -4.63
C GLU A 285 16.74 -8.31 -3.61
N LEU A 286 15.72 -7.62 -3.10
CA LEU A 286 14.78 -8.23 -2.15
C LEU A 286 14.00 -9.35 -2.83
N VAL A 287 13.56 -9.15 -4.08
CA VAL A 287 12.89 -10.22 -4.80
C VAL A 287 13.83 -11.42 -4.98
N SER A 288 15.08 -11.16 -5.33
CA SER A 288 16.06 -12.22 -5.51
C SER A 288 16.34 -13.02 -4.25
N ARG A 289 16.65 -12.32 -3.15
CA ARG A 289 16.94 -12.98 -1.86
C ARG A 289 15.73 -13.72 -1.28
N ILE A 290 14.56 -13.09 -1.34
CA ILE A 290 13.36 -13.72 -0.82
C ILE A 290 12.92 -14.92 -1.66
N SER A 291 13.07 -14.85 -2.98
CA SER A 291 12.72 -16.00 -3.85
C SER A 291 13.54 -17.24 -3.47
N ALA A 292 14.82 -17.03 -3.16
CA ALA A 292 15.72 -18.09 -2.70
C ALA A 292 15.27 -18.71 -1.39
N ILE A 293 14.90 -17.87 -0.43
CA ILE A 293 14.51 -18.35 0.88
C ILE A 293 13.19 -19.11 0.75
N PHE A 294 12.24 -18.53 0.01
CA PHE A 294 10.96 -19.16 -0.29
C PHE A 294 11.11 -20.56 -0.90
N SER A 295 12.06 -20.70 -1.82
CA SER A 295 12.31 -21.98 -2.51
C SER A 295 12.80 -23.12 -1.61
N THR A 296 13.27 -22.80 -0.41
CA THR A 296 13.82 -23.83 0.47
C THR A 296 12.73 -24.53 1.25
N PHE A 297 11.52 -23.97 1.23
CA PHE A 297 10.37 -24.50 1.97
C PHE A 297 9.48 -25.40 1.14
N ILE A 298 8.87 -26.35 1.84
CA ILE A 298 7.80 -27.21 1.32
C ILE A 298 6.50 -26.91 2.09
N GLY A 299 5.36 -26.98 1.41
CA GLY A 299 4.05 -26.93 2.08
C GLY A 299 3.42 -25.54 2.14
N GLU A 300 2.28 -25.40 1.47
CA GLU A 300 1.59 -24.11 1.32
C GLU A 300 0.12 -24.31 0.90
N HIS A 301 -0.72 -23.31 1.13
CA HIS A 301 -2.10 -23.29 0.58
C HIS A 301 -2.30 -22.11 -0.33
C23 5T1 B . -12.97 -8.12 3.78
O3 5T1 B . -12.84 -7.27 2.63
C22 5T1 B . -14.10 -7.15 1.95
C21 5T1 B . -13.86 -6.59 0.55
O2 5T1 B . -13.95 -5.16 0.63
C19 5T1 B . -13.14 -4.50 -0.24
C20 5T1 B . -12.67 -3.23 0.10
C15 5T1 B . -11.86 -2.55 -0.79
C16 5T1 B . -11.37 -1.27 -0.47
O1 5T1 B . -11.64 -0.73 0.59
C18 5T1 B . -12.79 -5.06 -1.46
N7 5T1 B . -12.00 -4.40 -2.30
C14 5T1 B . -11.53 -3.17 -2.00
C13 5T1 B . -10.71 -2.53 -2.91
C12 5T1 B . -10.21 -1.26 -2.62
N6 5T1 B . -10.54 -0.63 -1.39
C11 5T1 B . -9.98 0.71 -1.11
C17 5T1 B . -10.21 1.64 -2.33
C10 5T1 B . -8.50 0.50 -0.88
N1 5T1 B . -7.97 -0.01 0.28
C5 5T1 B . -8.52 -0.41 1.49
N5 5T1 B . -7.51 0.72 -1.74
N4 5T1 B . -6.43 0.41 -1.20
C4 5T1 B . -6.62 -0.04 0.04
C3 5T1 B . -5.77 -0.51 1.04
F1 5T1 B . -4.45 -0.55 0.78
C2 5T1 B . -6.29 -0.92 2.26
C1 5T1 B . -7.68 -0.88 2.50
C6 5T1 B . -8.24 -1.26 3.72
C8 5T1 B . -7.61 -1.49 4.86
C7 5T1 B . -9.55 -1.38 3.97
N2 5T1 B . -9.70 -1.73 5.25
N3 5T1 B . -8.57 -1.79 5.75
C9 5T1 B . -8.31 -2.15 7.16
#